data_5XUL
#
_entry.id   5XUL
#
_cell.length_a   49.504
_cell.length_b   59.145
_cell.length_c   122.952
_cell.angle_alpha   90.00
_cell.angle_beta   90.00
_cell.angle_gamma   90.00
#
_symmetry.space_group_name_H-M   'P 21 21 21'
#
loop_
_entity.id
_entity.type
_entity.pdbx_description
1 polymer endo-1,4-beta-mannanase
2 branched beta-D-mannopyranose-(1-4)-beta-D-mannopyranose-(1-4)-beta-D-mannopyranose-(1-4)-beta-D-mannopyranose-(1-4)-beta-D-mannopyranose-(1-4)-beta-D-mannopyranose
3 water water
#
_entity_poly.entity_id   1
_entity_poly.type   'polypeptide(L)'
_entity_poly.pdbx_seq_one_letter_code
;ADRGTETVPGLGQRKQQILNSGGGVWDLAIAMLETKNLGTDYVYGDGKTYDSANFGIFKQNWFMLRTSTSQFKGQTTNQW
NNGAVLNSNLQQDIKARQESQNYYGPDKWFAGHRNGESGLSNPYTQDITNYKDAVNWIHDQLASDPKYLSDDTRFWVDVT
AI
;
_entity_poly.pdbx_strand_id   B,A
#
loop_
_chem_comp.id
_chem_comp.type
_chem_comp.name
_chem_comp.formula
BMA D-saccharide, beta linking beta-D-mannopyranose 'C6 H12 O6'
#
# COMPACT_ATOMS: atom_id res chain seq x y z
N ALA A 1 -16.43 25.73 4.07
CA ALA A 1 -15.85 24.46 4.50
C ALA A 1 -14.98 23.87 3.40
N ASP A 2 -13.91 23.18 3.80
CA ASP A 2 -12.94 22.66 2.85
C ASP A 2 -13.18 21.20 2.49
N ARG A 3 -14.29 20.61 2.93
CA ARG A 3 -14.62 19.22 2.62
C ARG A 3 -16.11 19.01 2.82
N GLY A 4 -16.62 17.91 2.28
CA GLY A 4 -18.05 17.66 2.36
C GLY A 4 -18.47 16.48 1.52
N THR A 5 -19.76 16.42 1.21
CA THR A 5 -20.35 15.31 0.48
C THR A 5 -21.14 15.83 -0.72
N GLU A 6 -21.28 14.97 -1.71
CA GLU A 6 -22.16 15.23 -2.84
C GLU A 6 -22.57 13.89 -3.44
N THR A 7 -23.70 13.87 -4.14
CA THR A 7 -24.24 12.65 -4.72
C THR A 7 -24.01 12.67 -6.23
N VAL A 8 -23.46 11.58 -6.76
CA VAL A 8 -23.04 11.53 -8.16
C VAL A 8 -23.64 10.30 -8.83
N PRO A 9 -24.63 10.46 -9.69
CA PRO A 9 -25.24 9.30 -10.35
C PRO A 9 -24.19 8.41 -11.00
N GLY A 10 -24.30 7.10 -10.76
CA GLY A 10 -23.38 6.14 -11.33
C GLY A 10 -22.14 5.87 -10.51
N LEU A 11 -21.93 6.62 -9.42
CA LEU A 11 -20.70 6.46 -8.63
C LEU A 11 -20.62 5.07 -8.01
N GLY A 12 -21.75 4.55 -7.51
CA GLY A 12 -21.72 3.25 -6.86
C GLY A 12 -21.32 2.13 -7.79
N GLN A 13 -21.73 2.24 -9.05
CA GLN A 13 -21.35 1.27 -10.06
C GLN A 13 -19.84 1.35 -10.23
N ARG A 14 -19.30 2.57 -10.21
CA ARG A 14 -17.85 2.75 -10.35
C ARG A 14 -17.12 2.24 -9.11
N LYS A 15 -17.65 2.53 -7.91
CA LYS A 15 -17.02 2.02 -6.69
C LYS A 15 -16.91 0.51 -6.72
N GLN A 16 -17.99 -0.17 -7.14
CA GLN A 16 -17.99 -1.63 -7.13
C GLN A 16 -17.10 -2.20 -8.21
N GLN A 17 -17.04 -1.55 -9.38
CA GLN A 17 -16.08 -1.96 -10.40
C GLN A 17 -14.66 -1.90 -9.85
N ILE A 18 -14.33 -0.82 -9.15
CA ILE A 18 -12.99 -0.68 -8.58
C ILE A 18 -12.73 -1.77 -7.55
N LEU A 19 -13.67 -1.96 -6.62
CA LEU A 19 -13.48 -2.94 -5.56
C LEU A 19 -13.50 -4.37 -6.09
N ASN A 20 -14.07 -4.59 -7.27
CA ASN A 20 -14.10 -5.91 -7.88
C ASN A 20 -13.02 -6.11 -8.94
N SER A 21 -12.23 -5.07 -9.23
CA SER A 21 -11.15 -5.16 -10.21
C SER A 21 -9.77 -5.08 -9.56
N GLY A 22 -9.67 -5.50 -8.29
CA GLY A 22 -8.43 -5.51 -7.57
C GLY A 22 -8.23 -4.36 -6.61
N GLY A 23 -9.12 -3.38 -6.62
CA GLY A 23 -8.96 -2.22 -5.78
C GLY A 23 -9.43 -2.46 -4.37
N GLY A 24 -8.81 -1.74 -3.43
CA GLY A 24 -9.25 -1.70 -2.06
C GLY A 24 -9.86 -0.33 -1.76
N VAL A 25 -10.42 -0.23 -0.54
CA VAL A 25 -11.00 1.04 -0.09
C VAL A 25 -9.97 2.16 -0.19
N TRP A 26 -8.70 1.85 0.06
CA TRP A 26 -7.64 2.84 -0.06
C TRP A 26 -7.51 3.36 -1.49
N ASP A 27 -7.62 2.47 -2.49
CA ASP A 27 -7.58 2.94 -3.87
C ASP A 27 -8.80 3.79 -4.20
N LEU A 28 -9.97 3.40 -3.71
CA LEU A 28 -11.17 4.20 -3.90
C LEU A 28 -10.99 5.62 -3.37
N ALA A 29 -10.40 5.77 -2.18
CA ALA A 29 -10.20 7.08 -1.59
C ALA A 29 -9.35 7.98 -2.49
N ILE A 30 -8.23 7.45 -3.01
CA ILE A 30 -7.37 8.22 -3.91
C ILE A 30 -8.13 8.58 -5.17
N ALA A 31 -8.83 7.61 -5.76
CA ALA A 31 -9.56 7.88 -6.99
C ALA A 31 -10.67 8.91 -6.78
N MET A 32 -11.35 8.83 -5.64
CA MET A 32 -12.44 9.75 -5.34
C MET A 32 -11.95 11.20 -5.29
N LEU A 33 -10.71 11.43 -4.84
CA LEU A 33 -10.17 12.79 -4.85
C LEU A 33 -9.77 13.22 -6.26
N GLU A 34 -9.36 12.28 -7.11
CA GLU A 34 -8.83 12.60 -8.44
C GLU A 34 -9.91 13.11 -9.38
N THR A 35 -11.06 12.46 -9.40
CA THR A 35 -12.15 12.83 -10.29
C THR A 35 -13.47 12.73 -9.54
N LYS A 36 -14.44 13.53 -9.99
CA LYS A 36 -15.79 13.46 -9.43
C LYS A 36 -16.51 12.18 -9.82
N ASN A 37 -16.23 11.65 -11.01
CA ASN A 37 -17.02 10.52 -11.51
C ASN A 37 -16.29 9.18 -11.42
N LEU A 38 -15.12 9.12 -10.75
CA LEU A 38 -14.32 7.90 -10.70
C LEU A 38 -14.02 7.40 -12.11
N GLY A 39 -13.73 8.34 -13.01
CA GLY A 39 -13.57 8.04 -14.41
C GLY A 39 -12.20 8.43 -14.96
N THR A 40 -12.05 8.18 -16.25
CA THR A 40 -10.82 8.52 -16.94
C THR A 40 -11.08 9.49 -18.09
N ASP A 41 -12.27 10.12 -18.12
CA ASP A 41 -12.69 10.91 -19.26
C ASP A 41 -12.36 12.40 -19.12
N TYR A 42 -11.44 12.75 -18.21
CA TYR A 42 -10.85 14.08 -18.27
C TYR A 42 -9.99 14.18 -19.55
N VAL A 43 -9.58 15.41 -19.89
CA VAL A 43 -8.86 15.60 -21.14
C VAL A 43 -7.59 14.75 -21.15
N TYR A 44 -7.21 14.31 -22.35
CA TYR A 44 -6.09 13.39 -22.53
C TYR A 44 -4.84 13.88 -21.81
N GLY A 45 -4.25 13.02 -20.99
CA GLY A 45 -3.08 13.40 -20.21
C GLY A 45 -3.33 14.46 -19.16
N ASP A 46 -4.61 14.74 -18.86
CA ASP A 46 -5.03 15.91 -18.10
C ASP A 46 -4.38 17.17 -18.68
N GLY A 47 -4.18 17.17 -19.99
CA GLY A 47 -3.60 18.32 -20.65
C GLY A 47 -2.10 18.44 -20.53
N LYS A 48 -1.43 17.42 -19.99
CA LYS A 48 0.00 17.41 -19.81
C LYS A 48 0.64 16.36 -20.71
N THR A 49 1.97 16.44 -20.83
CA THR A 49 2.72 15.63 -21.80
C THR A 49 4.00 15.12 -21.15
N TYR A 50 4.57 14.07 -21.76
CA TYR A 50 5.83 13.43 -21.34
C TYR A 50 5.70 13.00 -19.89
N ASP A 51 6.66 13.27 -19.02
CA ASP A 51 6.65 12.69 -17.67
C ASP A 51 5.49 13.20 -16.83
N SER A 52 4.92 14.37 -17.14
CA SER A 52 3.84 14.95 -16.35
C SER A 52 2.47 14.38 -16.68
N ALA A 53 2.34 13.67 -17.79
CA ALA A 53 1.04 13.25 -18.29
C ALA A 53 0.33 12.34 -17.29
N ASN A 54 -0.95 12.62 -17.07
CA ASN A 54 -1.81 11.89 -16.15
C ASN A 54 -2.64 10.86 -16.89
N PHE A 55 -2.75 9.65 -16.33
CA PHE A 55 -3.54 8.58 -16.90
C PHE A 55 -4.29 7.84 -15.80
N GLY A 56 -5.40 7.19 -16.19
CA GLY A 56 -6.14 6.31 -15.29
C GLY A 56 -6.99 7.06 -14.28
N ILE A 57 -7.71 6.28 -13.46
CA ILE A 57 -8.66 6.88 -12.51
C ILE A 57 -7.97 7.63 -11.38
N PHE A 58 -6.69 7.36 -11.12
CA PHE A 58 -5.94 8.10 -10.11
C PHE A 58 -5.17 9.27 -10.69
N LYS A 59 -5.17 9.45 -12.01
CA LYS A 59 -4.32 10.46 -12.65
C LYS A 59 -2.86 10.24 -12.28
N GLN A 60 -2.43 8.98 -12.30
CA GLN A 60 -1.00 8.69 -12.17
C GLN A 60 -0.22 9.36 -13.28
N ASN A 61 0.98 9.86 -12.97
CA ASN A 61 1.79 10.52 -13.99
C ASN A 61 2.77 9.53 -14.61
N TRP A 62 3.20 9.85 -15.83
CA TRP A 62 4.05 8.91 -16.57
C TRP A 62 5.38 8.67 -15.88
N PHE A 63 5.94 9.69 -15.23
CA PHE A 63 7.20 9.48 -14.52
C PHE A 63 7.06 8.36 -13.50
N MET A 64 5.99 8.41 -12.70
CA MET A 64 5.76 7.34 -11.73
C MET A 64 5.49 6.02 -12.41
N LEU A 65 4.74 6.04 -13.53
CA LEU A 65 4.42 4.80 -14.22
C LEU A 65 5.68 4.13 -14.76
N ARG A 66 6.55 4.89 -15.40
CA ARG A 66 7.73 4.29 -16.03
C ARG A 66 8.81 3.90 -15.03
N THR A 67 8.76 4.39 -13.78
CA THR A 67 9.82 4.08 -12.83
C THR A 67 9.46 3.01 -11.81
N SER A 68 8.19 2.62 -11.69
CA SER A 68 7.80 1.86 -10.51
C SER A 68 6.69 0.83 -10.75
N THR A 69 6.31 0.55 -11.99
CA THR A 69 5.29 -0.45 -12.27
C THR A 69 5.88 -1.54 -13.15
N SER A 70 5.36 -2.75 -13.01
CA SER A 70 5.85 -3.83 -13.86
C SER A 70 5.34 -3.66 -15.29
N GLN A 71 4.18 -3.03 -15.48
CA GLN A 71 3.68 -2.84 -16.83
C GLN A 71 4.56 -1.90 -17.65
N PHE A 72 5.09 -0.84 -17.03
CA PHE A 72 5.86 0.17 -17.76
C PHE A 72 7.32 0.21 -17.32
N LYS A 73 7.81 -0.84 -16.67
CA LYS A 73 9.20 -0.85 -16.20
C LYS A 73 10.16 -0.44 -17.30
N GLY A 74 11.07 0.47 -16.98
CA GLY A 74 12.16 0.81 -17.86
C GLY A 74 11.80 1.65 -19.08
N GLN A 75 10.55 2.05 -19.25
CA GLN A 75 10.20 2.84 -20.43
C GLN A 75 10.73 4.27 -20.29
N THR A 76 10.70 4.99 -21.41
CA THR A 76 11.31 6.31 -21.50
C THR A 76 10.25 7.40 -21.41
N THR A 77 10.72 8.62 -21.11
CA THR A 77 9.87 9.80 -21.16
C THR A 77 9.17 9.93 -22.51
N ASN A 78 9.87 9.62 -23.60
CA ASN A 78 9.28 9.78 -24.92
C ASN A 78 8.14 8.80 -25.17
N GLN A 79 8.13 7.66 -24.48
CA GLN A 79 7.08 6.66 -24.61
C GLN A 79 5.81 6.99 -23.83
N TRP A 80 5.60 8.25 -23.44
CA TRP A 80 4.55 8.57 -22.48
C TRP A 80 3.15 8.21 -22.96
N ASN A 81 2.92 8.24 -24.27
CA ASN A 81 1.60 7.87 -24.78
C ASN A 81 1.25 6.42 -24.47
N ASN A 82 2.25 5.58 -24.12
CA ASN A 82 1.96 4.21 -23.74
C ASN A 82 1.11 4.12 -22.48
N GLY A 83 1.08 5.17 -21.67
CA GLY A 83 0.25 5.15 -20.48
C GLY A 83 -1.23 5.23 -20.75
N ALA A 84 -1.63 5.59 -21.98
CA ALA A 84 -3.04 5.78 -22.31
C ALA A 84 -3.85 4.50 -22.15
N VAL A 85 -3.22 3.32 -22.22
CA VAL A 85 -3.98 2.08 -22.07
C VAL A 85 -4.67 2.03 -20.72
N LEU A 86 -4.10 2.70 -19.71
CA LEU A 86 -4.71 2.70 -18.38
C LEU A 86 -6.07 3.37 -18.36
N ASN A 87 -6.38 4.21 -19.37
CA ASN A 87 -7.67 4.88 -19.42
C ASN A 87 -8.81 3.94 -19.76
N SER A 88 -8.52 2.76 -20.28
CA SER A 88 -9.56 1.80 -20.59
C SER A 88 -9.42 0.47 -19.85
N ASN A 89 -8.27 0.20 -19.22
CA ASN A 89 -8.05 -1.05 -18.52
C ASN A 89 -7.94 -0.75 -17.02
N LEU A 90 -9.08 -0.89 -16.31
CA LEU A 90 -9.13 -0.56 -14.90
C LEU A 90 -8.30 -1.51 -14.06
N GLN A 91 -8.30 -2.80 -14.41
CA GLN A 91 -7.51 -3.80 -13.69
C GLN A 91 -6.03 -3.45 -13.71
N GLN A 92 -5.50 -3.10 -14.88
CA GLN A 92 -4.09 -2.72 -14.95
C GLN A 92 -3.84 -1.36 -14.31
N ASP A 93 -4.82 -0.47 -14.39
CA ASP A 93 -4.72 0.85 -13.76
C ASP A 93 -4.51 0.71 -12.25
N ILE A 94 -5.35 -0.08 -11.60
CA ILE A 94 -5.23 -0.30 -10.15
C ILE A 94 -3.94 -1.03 -9.82
N LYS A 95 -3.64 -2.10 -10.56
CA LYS A 95 -2.42 -2.86 -10.29
C LYS A 95 -1.18 -1.99 -10.41
N ALA A 96 -1.16 -1.10 -11.41
CA ALA A 96 -0.05 -0.18 -11.56
C ALA A 96 0.10 0.72 -10.34
N ARG A 97 -1.01 1.29 -9.87
CA ARG A 97 -0.90 2.21 -8.73
C ARG A 97 -0.43 1.48 -7.48
N GLN A 98 -0.98 0.28 -7.23
CA GLN A 98 -0.58 -0.48 -6.06
C GLN A 98 0.89 -0.87 -6.13
N GLU A 99 1.36 -1.30 -7.31
CA GLU A 99 2.76 -1.61 -7.49
C GLU A 99 3.62 -0.38 -7.30
N SER A 100 3.17 0.76 -7.84
CA SER A 100 3.92 2.00 -7.69
C SER A 100 4.14 2.33 -6.22
N GLN A 101 3.10 2.19 -5.40
CA GLN A 101 3.22 2.49 -3.99
C GLN A 101 4.09 1.48 -3.25
N ASN A 102 4.10 0.22 -3.69
CA ASN A 102 4.96 -0.80 -3.09
C ASN A 102 6.42 -0.62 -3.46
N TYR A 103 6.69 -0.01 -4.63
CA TYR A 103 8.07 0.27 -5.02
C TYR A 103 8.61 1.46 -4.23
N TYR A 104 7.85 2.54 -4.17
CA TYR A 104 8.33 3.75 -3.53
C TYR A 104 8.06 3.78 -2.03
N GLY A 105 7.13 2.97 -1.52
CA GLY A 105 6.61 3.14 -0.19
C GLY A 105 5.60 4.27 -0.15
N PRO A 106 4.73 4.29 0.86
CA PRO A 106 3.61 5.27 0.84
C PRO A 106 4.08 6.72 0.81
N ASP A 107 5.05 7.09 1.66
CA ASP A 107 5.53 8.47 1.72
C ASP A 107 5.98 8.97 0.34
N LYS A 108 6.93 8.25 -0.24
CA LYS A 108 7.49 8.60 -1.54
C LYS A 108 6.45 8.54 -2.64
N TRP A 109 5.60 7.52 -2.59
CA TRP A 109 4.55 7.41 -3.61
C TRP A 109 3.66 8.65 -3.58
N PHE A 110 3.23 9.04 -2.39
CA PHE A 110 2.43 10.26 -2.26
C PHE A 110 3.14 11.45 -2.88
N ALA A 111 4.44 11.59 -2.60
CA ALA A 111 5.18 12.76 -3.07
C ALA A 111 5.34 12.75 -4.58
N GLY A 112 5.71 11.59 -5.14
CA GLY A 112 5.89 11.49 -6.58
C GLY A 112 4.58 11.49 -7.34
N HIS A 113 3.54 10.91 -6.75
CA HIS A 113 2.22 11.03 -7.36
C HIS A 113 1.76 12.49 -7.36
N ARG A 114 1.87 13.14 -6.21
CA ARG A 114 1.37 14.52 -6.09
C ARG A 114 2.22 15.51 -6.87
N ASN A 115 3.55 15.35 -6.85
CA ASN A 115 4.43 16.37 -7.39
C ASN A 115 5.49 15.80 -8.33
N GLY A 116 5.20 14.67 -8.97
CA GLY A 116 6.13 14.20 -9.99
C GLY A 116 7.51 13.85 -9.44
N GLU A 117 8.49 13.86 -10.35
CA GLU A 117 9.88 13.58 -9.97
C GLU A 117 10.35 14.56 -8.90
N SER A 118 9.91 15.82 -8.97
CA SER A 118 10.34 16.80 -7.97
C SER A 118 9.92 16.38 -6.57
N GLY A 119 8.72 15.80 -6.43
CA GLY A 119 8.26 15.41 -5.11
C GLY A 119 9.17 14.43 -4.40
N LEU A 120 9.82 13.55 -5.16
CA LEU A 120 10.74 12.59 -4.55
C LEU A 120 11.86 13.28 -3.81
N SER A 121 12.27 14.46 -4.26
CA SER A 121 13.35 15.18 -3.60
C SER A 121 12.90 15.98 -2.39
N ASN A 122 11.60 16.26 -2.26
CA ASN A 122 11.05 17.02 -1.14
C ASN A 122 9.70 16.45 -0.79
N PRO A 123 9.64 15.28 -0.15
CA PRO A 123 8.37 14.56 -0.03
C PRO A 123 7.47 15.05 1.10
N TYR A 124 7.94 15.93 1.97
CA TYR A 124 7.16 16.31 3.14
C TYR A 124 6.85 17.80 3.16
N THR A 125 6.65 18.39 1.98
CA THR A 125 6.13 19.74 1.92
C THR A 125 4.73 19.80 2.47
N GLN A 126 4.28 21.03 2.78
CA GLN A 126 2.92 21.21 3.26
C GLN A 126 1.89 20.74 2.23
N ASP A 127 2.17 20.95 0.93
CA ASP A 127 1.19 20.57 -0.08
C ASP A 127 1.02 19.06 -0.14
N ILE A 128 2.12 18.32 -0.10
CA ILE A 128 2.00 16.86 -0.15
C ILE A 128 1.35 16.35 1.12
N THR A 129 1.71 16.92 2.28
CA THR A 129 1.05 16.55 3.54
C THR A 129 -0.45 16.84 3.48
N ASN A 130 -0.84 17.99 2.93
CA ASN A 130 -2.26 18.31 2.82
C ASN A 130 -2.97 17.29 1.93
N TYR A 131 -2.36 16.91 0.81
CA TYR A 131 -2.95 15.92 -0.08
C TYR A 131 -3.09 14.58 0.63
N LYS A 132 -2.04 14.18 1.36
CA LYS A 132 -2.07 12.97 2.16
C LYS A 132 -3.23 12.99 3.15
N ASP A 133 -3.36 14.10 3.88
CA ASP A 133 -4.39 14.22 4.91
C ASP A 133 -5.78 14.19 4.29
N ALA A 134 -5.94 14.77 3.10
CA ALA A 134 -7.24 14.71 2.44
C ALA A 134 -7.59 13.29 2.04
N VAL A 135 -6.63 12.55 1.48
CA VAL A 135 -6.90 11.16 1.13
C VAL A 135 -7.27 10.37 2.38
N ASN A 136 -6.51 10.57 3.47
CA ASN A 136 -6.83 9.87 4.72
C ASN A 136 -8.24 10.18 5.19
N TRP A 137 -8.64 11.44 5.11
CA TRP A 137 -9.99 11.81 5.54
C TRP A 137 -11.04 11.12 4.68
N ILE A 138 -10.83 11.09 3.38
CA ILE A 138 -11.79 10.46 2.48
C ILE A 138 -11.87 8.96 2.77
N HIS A 139 -10.71 8.33 2.99
CA HIS A 139 -10.71 6.92 3.36
C HIS A 139 -11.48 6.69 4.66
N ASP A 140 -11.25 7.54 5.66
CA ASP A 140 -11.99 7.42 6.92
C ASP A 140 -13.49 7.55 6.71
N GLN A 141 -13.92 8.45 5.81
CA GLN A 141 -15.34 8.58 5.57
C GLN A 141 -15.92 7.34 4.91
N LEU A 142 -15.22 6.80 3.91
CA LEU A 142 -15.69 5.58 3.23
C LEU A 142 -15.73 4.40 4.19
N ALA A 143 -14.73 4.28 5.07
CA ALA A 143 -14.65 3.16 6.00
C ALA A 143 -15.68 3.23 7.12
N SER A 144 -16.34 4.38 7.29
CA SER A 144 -17.21 4.61 8.42
C SER A 144 -18.58 3.95 8.28
N ASP A 145 -18.95 3.51 7.07
CA ASP A 145 -20.23 2.88 6.82
C ASP A 145 -20.16 2.11 5.51
N PRO A 146 -20.42 0.80 5.52
CA PRO A 146 -20.34 0.01 4.28
C PRO A 146 -21.21 0.53 3.15
N LYS A 147 -22.26 1.30 3.44
CA LYS A 147 -23.11 1.79 2.36
C LYS A 147 -22.34 2.70 1.42
N TYR A 148 -21.30 3.37 1.92
CA TYR A 148 -20.52 4.29 1.10
C TYR A 148 -19.66 3.56 0.08
N LEU A 149 -19.54 2.25 0.17
CA LEU A 149 -18.81 1.48 -0.82
C LEU A 149 -19.66 1.16 -2.04
N SER A 150 -20.97 1.37 -1.98
CA SER A 150 -21.84 1.08 -3.11
C SER A 150 -22.87 2.16 -3.42
N ASP A 151 -23.02 3.19 -2.59
CA ASP A 151 -23.99 4.23 -2.88
C ASP A 151 -23.35 5.26 -3.81
N ASP A 152 -24.04 6.37 -4.07
CA ASP A 152 -23.56 7.41 -4.96
C ASP A 152 -22.98 8.61 -4.21
N THR A 153 -22.60 8.43 -2.94
CA THR A 153 -22.01 9.51 -2.17
C THR A 153 -20.54 9.67 -2.52
N ARG A 154 -20.14 10.90 -2.85
CA ARG A 154 -18.74 11.26 -2.99
C ARG A 154 -18.34 12.14 -1.81
N PHE A 155 -17.20 11.82 -1.19
CA PHE A 155 -16.58 12.69 -0.21
C PHE A 155 -15.46 13.45 -0.90
N TRP A 156 -15.56 14.79 -0.88
CA TRP A 156 -14.58 15.65 -1.53
C TRP A 156 -13.84 16.49 -0.50
N VAL A 157 -12.62 16.89 -0.86
CA VAL A 157 -11.81 17.82 -0.08
C VAL A 157 -11.17 18.80 -1.05
N ASP A 158 -11.20 20.08 -0.70
CA ASP A 158 -10.51 21.10 -1.49
C ASP A 158 -9.09 21.19 -0.94
N VAL A 159 -8.13 20.66 -1.68
CA VAL A 159 -6.74 20.75 -1.28
C VAL A 159 -6.12 21.98 -1.90
N ALA B 1 23.77 0.42 19.38
CA ALA B 1 23.27 1.31 18.34
C ALA B 1 21.89 0.87 17.86
N ASP B 2 21.10 1.82 17.37
CA ASP B 2 19.70 1.55 17.09
C ASP B 2 19.41 1.11 15.65
N ARG B 3 20.39 1.17 14.75
CA ARG B 3 20.20 0.57 13.43
C ARG B 3 21.55 0.14 12.86
N GLY B 4 21.51 -0.74 11.87
CA GLY B 4 22.75 -1.14 11.24
C GLY B 4 22.52 -2.14 10.12
N THR B 5 23.62 -2.74 9.67
CA THR B 5 23.58 -3.76 8.64
C THR B 5 24.26 -5.03 9.15
N GLU B 6 23.81 -6.17 8.67
CA GLU B 6 24.48 -7.42 8.92
C GLU B 6 24.32 -8.30 7.69
N THR B 7 25.18 -9.30 7.57
CA THR B 7 25.11 -10.23 6.46
C THR B 7 24.50 -11.54 6.94
N VAL B 8 23.43 -11.97 6.26
CA VAL B 8 22.72 -13.18 6.59
C VAL B 8 22.83 -14.13 5.38
N PRO B 9 23.68 -15.14 5.46
CA PRO B 9 23.91 -16.02 4.30
C PRO B 9 22.62 -16.60 3.75
N GLY B 10 22.44 -16.47 2.44
CA GLY B 10 21.25 -16.99 1.77
C GLY B 10 20.05 -16.09 1.81
N LEU B 11 20.14 -14.93 2.45
CA LEU B 11 18.99 -14.04 2.51
C LEU B 11 18.59 -13.54 1.13
N GLY B 12 19.56 -13.32 0.24
CA GLY B 12 19.23 -12.82 -1.09
C GLY B 12 18.28 -13.70 -1.85
N GLN B 13 18.48 -15.02 -1.76
CA GLN B 13 17.54 -15.95 -2.39
C GLN B 13 16.12 -15.73 -1.89
N ARG B 14 15.98 -15.43 -0.60
CA ARG B 14 14.67 -15.26 0.00
C ARG B 14 14.04 -13.92 -0.37
N LYS B 15 14.84 -12.85 -0.42
CA LYS B 15 14.36 -11.59 -0.98
C LYS B 15 13.77 -11.80 -2.37
N GLN B 16 14.50 -12.53 -3.22
CA GLN B 16 14.07 -12.70 -4.60
C GLN B 16 12.79 -13.53 -4.65
N GLN B 17 12.68 -14.52 -3.78
CA GLN B 17 11.44 -15.30 -3.71
C GLN B 17 10.25 -14.42 -3.35
N ILE B 18 10.44 -13.51 -2.39
CA ILE B 18 9.37 -12.59 -2.02
C ILE B 18 9.00 -11.70 -3.19
N LEU B 19 10.01 -11.06 -3.82
CA LEU B 19 9.74 -10.21 -4.97
C LEU B 19 9.22 -10.99 -6.17
N ASN B 20 9.49 -12.30 -6.26
CA ASN B 20 8.90 -13.13 -7.31
C ASN B 20 7.49 -13.60 -6.98
N SER B 21 7.06 -13.46 -5.73
CA SER B 21 5.78 -14.00 -5.28
C SER B 21 4.73 -12.91 -5.07
N GLY B 22 4.88 -11.77 -5.73
CA GLY B 22 3.94 -10.67 -5.64
C GLY B 22 4.39 -9.55 -4.72
N GLY B 23 5.44 -9.75 -3.95
CA GLY B 23 5.86 -8.77 -2.99
C GLY B 23 6.63 -7.63 -3.65
N GLY B 24 6.55 -6.47 -3.01
CA GLY B 24 7.28 -5.29 -3.43
C GLY B 24 8.41 -5.00 -2.45
N VAL B 25 9.17 -3.96 -2.78
CA VAL B 25 10.25 -3.57 -1.88
C VAL B 25 9.68 -3.19 -0.53
N TRP B 26 8.47 -2.62 -0.52
CA TRP B 26 7.82 -2.23 0.73
C TRP B 26 7.49 -3.46 1.58
N ASP B 27 6.98 -4.52 0.94
CA ASP B 27 6.79 -5.78 1.65
C ASP B 27 8.10 -6.31 2.20
N LEU B 28 9.16 -6.27 1.39
CA LEU B 28 10.45 -6.75 1.84
C LEU B 28 10.93 -5.99 3.08
N ALA B 29 10.70 -4.67 3.12
CA ALA B 29 11.10 -3.90 4.29
C ALA B 29 10.38 -4.40 5.54
N ILE B 30 9.06 -4.60 5.45
CA ILE B 30 8.31 -5.00 6.63
C ILE B 30 8.78 -6.37 7.12
N ALA B 31 8.92 -7.32 6.19
CA ALA B 31 9.41 -8.65 6.54
C ALA B 31 10.83 -8.57 7.10
N MET B 32 11.66 -7.67 6.56
CA MET B 32 13.04 -7.62 7.02
C MET B 32 13.14 -7.19 8.48
N LEU B 33 12.19 -6.37 8.96
CA LEU B 33 12.21 -6.00 10.36
C LEU B 33 11.65 -7.12 11.24
N GLU B 34 10.69 -7.90 10.72
CA GLU B 34 10.01 -8.92 11.53
C GLU B 34 10.94 -10.06 11.91
N THR B 35 11.74 -10.54 10.96
CA THR B 35 12.64 -11.67 11.23
C THR B 35 14.00 -11.46 10.57
N LYS B 36 15.01 -12.10 11.16
CA LYS B 36 16.34 -12.04 10.58
C LYS B 36 16.40 -12.77 9.25
N ASN B 37 15.68 -13.88 9.11
CA ASN B 37 15.86 -14.77 7.98
C ASN B 37 14.76 -14.65 6.94
N LEU B 38 13.88 -13.65 7.08
CA LEU B 38 12.72 -13.53 6.18
C LEU B 38 11.90 -14.81 6.19
N GLY B 39 11.72 -15.39 7.39
CA GLY B 39 11.14 -16.70 7.53
C GLY B 39 9.85 -16.73 8.34
N THR B 40 9.31 -17.94 8.49
CA THR B 40 8.12 -18.19 9.27
C THR B 40 8.36 -19.22 10.37
N ASP B 41 9.63 -19.53 10.65
CA ASP B 41 9.98 -20.57 11.60
C ASP B 41 10.18 -20.06 13.02
N TYR B 42 9.71 -18.85 13.33
CA TYR B 42 9.60 -18.46 14.73
C TYR B 42 8.57 -19.35 15.43
N VAL B 43 8.53 -19.27 16.76
CA VAL B 43 7.60 -20.13 17.50
C VAL B 43 6.18 -19.86 17.03
N TYR B 44 5.38 -20.93 16.98
CA TYR B 44 4.02 -20.88 16.44
C TYR B 44 3.23 -19.72 17.03
N GLY B 45 2.60 -18.94 16.16
CA GLY B 45 1.85 -17.76 16.56
C GLY B 45 2.68 -16.71 17.27
N ASP B 46 4.01 -16.77 17.13
CA ASP B 46 4.95 -15.97 17.93
C ASP B 46 4.65 -16.08 19.42
N GLY B 47 4.19 -17.26 19.85
CA GLY B 47 3.86 -17.49 21.24
C GLY B 47 2.55 -16.87 21.69
N LYS B 48 1.80 -16.27 20.79
CA LYS B 48 0.51 -15.64 21.11
C LYS B 48 -0.63 -16.49 20.57
N THR B 49 -1.84 -16.19 21.05
CA THR B 49 -3.01 -16.98 20.73
C THR B 49 -4.18 -16.08 20.37
N TYR B 50 -5.20 -16.69 19.75
CA TYR B 50 -6.41 -15.97 19.36
C TYR B 50 -6.07 -14.73 18.55
N ASP B 51 -6.72 -13.59 18.82
CA ASP B 51 -6.57 -12.43 17.95
C ASP B 51 -5.14 -11.89 17.91
N SER B 52 -4.32 -12.18 18.93
CA SER B 52 -2.94 -11.70 19.00
C SER B 52 -1.94 -12.57 18.24
N ALA B 53 -2.35 -13.76 17.81
CA ALA B 53 -1.43 -14.70 17.17
C ALA B 53 -0.86 -14.12 15.88
N ASN B 54 0.44 -14.32 15.68
CA ASN B 54 1.17 -13.84 14.50
C ASN B 54 1.48 -14.99 13.54
N PHE B 55 1.30 -14.73 12.24
CA PHE B 55 1.59 -15.72 11.19
C PHE B 55 2.28 -15.05 10.01
N GLY B 56 2.99 -15.85 9.23
CA GLY B 56 3.60 -15.39 8.00
C GLY B 56 4.87 -14.60 8.24
N ILE B 57 5.50 -14.17 7.13
CA ILE B 57 6.81 -13.52 7.21
C ILE B 57 6.73 -12.11 7.80
N PHE B 58 5.54 -11.50 7.84
CA PHE B 58 5.39 -10.19 8.46
C PHE B 58 4.94 -10.27 9.91
N LYS B 59 4.68 -11.48 10.41
CA LYS B 59 4.03 -11.66 11.70
C LYS B 59 2.71 -10.88 11.77
N GLN B 60 1.91 -10.99 10.72
CA GLN B 60 0.54 -10.45 10.74
C GLN B 60 -0.25 -11.08 11.88
N ASN B 61 -1.09 -10.27 12.55
CA ASN B 61 -1.86 -10.82 13.67
C ASN B 61 -3.26 -11.24 13.20
N TRP B 62 -3.83 -12.22 13.92
CA TRP B 62 -5.08 -12.82 13.47
C TRP B 62 -6.22 -11.81 13.43
N PHE B 63 -6.22 -10.83 14.33
CA PHE B 63 -7.24 -9.79 14.27
C PHE B 63 -7.22 -9.09 12.91
N MET B 64 -6.04 -8.70 12.43
CA MET B 64 -5.96 -8.02 11.14
C MET B 64 -6.36 -8.97 10.02
N LEU B 65 -5.92 -10.23 10.08
CA LEU B 65 -6.24 -11.17 9.02
C LEU B 65 -7.75 -11.36 8.88
N ARG B 66 -8.44 -11.64 10.00
CA ARG B 66 -9.87 -11.94 9.96
C ARG B 66 -10.74 -10.72 9.72
N THR B 67 -10.18 -9.50 9.74
CA THR B 67 -10.97 -8.30 9.50
C THR B 67 -10.70 -7.61 8.16
N SER B 68 -9.62 -7.96 7.44
CA SER B 68 -9.21 -7.11 6.33
C SER B 68 -8.63 -7.85 5.12
N THR B 69 -8.69 -9.17 5.07
CA THR B 69 -8.16 -9.95 3.96
C THR B 69 -9.26 -10.75 3.30
N SER B 70 -9.13 -10.95 1.98
CA SER B 70 -10.11 -11.78 1.29
C SER B 70 -10.06 -13.21 1.80
N GLN B 71 -8.88 -13.68 2.22
CA GLN B 71 -8.73 -15.09 2.59
C GLN B 71 -9.40 -15.40 3.92
N PHE B 72 -9.45 -14.43 4.85
CA PHE B 72 -9.88 -14.73 6.22
C PHE B 72 -11.01 -13.85 6.75
N LYS B 73 -11.46 -12.85 5.98
CA LYS B 73 -12.51 -11.97 6.48
C LYS B 73 -13.74 -12.77 6.88
N GLY B 74 -14.33 -12.39 8.01
CA GLY B 74 -15.50 -13.05 8.52
C GLY B 74 -15.22 -14.18 9.47
N GLN B 75 -13.98 -14.65 9.56
CA GLN B 75 -13.68 -15.74 10.47
C GLN B 75 -13.60 -15.23 11.91
N THR B 76 -13.81 -16.15 12.86
CA THR B 76 -13.88 -15.75 14.25
C THR B 76 -12.53 -15.77 14.93
N THR B 77 -12.49 -15.16 16.11
CA THR B 77 -11.32 -15.21 16.98
C THR B 77 -10.95 -16.65 17.33
N ASN B 78 -11.95 -17.50 17.55
CA ASN B 78 -11.68 -18.89 17.90
C ASN B 78 -11.03 -19.67 16.76
N GLN B 79 -11.22 -19.23 15.51
CA GLN B 79 -10.65 -19.88 14.33
C GLN B 79 -9.20 -19.45 14.05
N TRP B 80 -8.52 -18.87 15.03
CA TRP B 80 -7.23 -18.24 14.79
C TRP B 80 -6.18 -19.18 14.19
N ASN B 81 -6.23 -20.47 14.52
CA ASN B 81 -5.26 -21.40 13.95
C ASN B 81 -5.36 -21.50 12.43
N ASN B 82 -6.45 -21.01 11.84
CA ASN B 82 -6.56 -20.98 10.38
C ASN B 82 -5.48 -20.12 9.74
N GLY B 83 -4.97 -19.10 10.44
CA GLY B 83 -3.93 -18.26 9.88
C GLY B 83 -2.61 -18.97 9.65
N ALA B 84 -2.40 -20.12 10.27
CA ALA B 84 -1.13 -20.82 10.16
C ALA B 84 -0.83 -21.28 8.74
N VAL B 85 -1.82 -21.31 7.85
CA VAL B 85 -1.53 -21.67 6.46
C VAL B 85 -0.62 -20.66 5.80
N LEU B 86 -0.61 -19.40 6.29
CA LEU B 86 0.32 -18.40 5.79
C LEU B 86 1.77 -18.73 6.10
N ASN B 87 2.03 -19.59 7.08
CA ASN B 87 3.40 -19.97 7.40
C ASN B 87 4.04 -20.82 6.30
N SER B 88 3.23 -21.34 5.37
CA SER B 88 3.74 -22.18 4.30
C SER B 88 3.24 -21.80 2.92
N ASN B 89 2.48 -20.70 2.78
CA ASN B 89 2.07 -20.20 1.48
C ASN B 89 2.50 -18.75 1.40
N LEU B 90 3.67 -18.51 0.83
CA LEU B 90 4.22 -17.16 0.75
C LEU B 90 3.36 -16.26 -0.13
N GLN B 91 2.86 -16.78 -1.24
CA GLN B 91 1.96 -16.00 -2.10
C GLN B 91 0.73 -15.52 -1.34
N GLN B 92 0.10 -16.42 -0.59
CA GLN B 92 -1.07 -16.02 0.20
C GLN B 92 -0.69 -15.04 1.30
N ASP B 93 0.48 -15.25 1.90
CA ASP B 93 1.02 -14.39 2.95
C ASP B 93 1.20 -12.95 2.47
N ILE B 94 1.84 -12.79 1.31
CA ILE B 94 2.06 -11.47 0.74
C ILE B 94 0.73 -10.84 0.35
N LYS B 95 -0.12 -11.60 -0.35
CA LYS B 95 -1.39 -11.04 -0.81
C LYS B 95 -2.25 -10.61 0.38
N ALA B 96 -2.21 -11.38 1.47
CA ALA B 96 -2.99 -11.02 2.66
C ALA B 96 -2.53 -9.68 3.22
N ARG B 97 -1.23 -9.46 3.30
CA ARG B 97 -0.74 -8.22 3.91
C ARG B 97 -1.05 -7.03 3.01
N GLN B 98 -0.90 -7.21 1.70
CA GLN B 98 -1.25 -6.15 0.76
C GLN B 98 -2.73 -5.79 0.86
N GLU B 99 -3.60 -6.81 0.87
CA GLU B 99 -5.04 -6.60 1.02
C GLU B 99 -5.36 -5.90 2.33
N SER B 100 -4.73 -6.35 3.42
CA SER B 100 -4.98 -5.73 4.72
C SER B 100 -4.61 -4.25 4.68
N GLN B 101 -3.50 -3.90 4.05
CA GLN B 101 -3.10 -2.51 4.00
C GLN B 101 -3.96 -1.71 3.03
N ASN B 102 -4.47 -2.34 1.96
CA ASN B 102 -5.39 -1.63 1.08
C ASN B 102 -6.77 -1.47 1.72
N TYR B 103 -7.12 -2.34 2.66
CA TYR B 103 -8.40 -2.22 3.35
C TYR B 103 -8.35 -1.07 4.36
N TYR B 104 -7.32 -1.06 5.19
CA TYR B 104 -7.19 -0.10 6.27
C TYR B 104 -6.54 1.20 5.85
N GLY B 105 -5.83 1.24 4.73
CA GLY B 105 -4.95 2.35 4.43
C GLY B 105 -3.67 2.23 5.25
N PRO B 106 -2.56 2.79 4.74
CA PRO B 106 -1.27 2.61 5.43
C PRO B 106 -1.27 3.00 6.91
N ASP B 107 -1.81 4.16 7.26
CA ASP B 107 -1.75 4.62 8.65
C ASP B 107 -2.46 3.64 9.59
N LYS B 108 -3.69 3.28 9.26
CA LYS B 108 -4.40 2.35 10.14
C LYS B 108 -3.81 0.96 10.07
N TRP B 109 -3.32 0.54 8.90
CA TRP B 109 -2.69 -0.78 8.84
C TRP B 109 -1.53 -0.86 9.81
N PHE B 110 -0.67 0.18 9.82
CA PHE B 110 0.46 0.22 10.75
C PHE B 110 -0.02 0.04 12.20
N ALA B 111 -1.07 0.75 12.57
CA ALA B 111 -1.55 0.72 13.96
C ALA B 111 -2.09 -0.66 14.33
N GLY B 112 -2.92 -1.23 13.46
CA GLY B 112 -3.49 -2.54 13.72
C GLY B 112 -2.48 -3.66 13.64
N HIS B 113 -1.51 -3.53 12.72
CA HIS B 113 -0.41 -4.50 12.68
C HIS B 113 0.42 -4.44 13.95
N ARG B 114 0.78 -3.23 14.37
CA ARG B 114 1.71 -3.07 15.47
C ARG B 114 1.02 -3.32 16.81
N ASN B 115 -0.23 -2.89 16.95
CA ASN B 115 -0.88 -2.97 18.26
C ASN B 115 -2.28 -3.55 18.20
N GLY B 116 -2.59 -4.34 17.18
CA GLY B 116 -3.85 -5.04 17.10
C GLY B 116 -5.03 -4.09 17.09
N GLU B 117 -6.16 -4.61 17.58
CA GLU B 117 -7.38 -3.81 17.60
C GLU B 117 -7.19 -2.53 18.39
N SER B 118 -6.43 -2.58 19.50
CA SER B 118 -6.23 -1.38 20.30
C SER B 118 -5.58 -0.26 19.50
N GLY B 119 -4.71 -0.60 18.56
CA GLY B 119 -4.02 0.41 17.78
C GLY B 119 -4.93 1.19 16.85
N LEU B 120 -6.06 0.60 16.47
CA LEU B 120 -6.99 1.28 15.58
C LEU B 120 -7.66 2.48 16.24
N SER B 121 -7.70 2.52 17.57
CA SER B 121 -8.37 3.64 18.24
C SER B 121 -7.55 4.92 18.13
N ASN B 122 -6.25 4.83 17.85
CA ASN B 122 -5.42 6.01 17.54
C ASN B 122 -4.16 5.57 16.80
N PRO B 123 -4.14 5.71 15.46
CA PRO B 123 -2.97 5.27 14.69
C PRO B 123 -1.71 6.08 14.95
N TYR B 124 -1.76 7.15 15.74
CA TYR B 124 -0.70 8.15 15.73
C TYR B 124 0.04 8.27 17.05
N THR B 125 0.00 7.23 17.88
CA THR B 125 0.80 7.19 19.09
C THR B 125 2.29 7.10 18.76
N GLN B 126 3.13 7.38 19.78
CA GLN B 126 4.57 7.40 19.55
C GLN B 126 5.11 6.01 19.26
N ASP B 127 4.55 4.98 19.90
CA ASP B 127 5.05 3.63 19.65
C ASP B 127 4.76 3.18 18.22
N ILE B 128 3.59 3.54 17.68
CA ILE B 128 3.31 3.18 16.30
C ILE B 128 4.18 3.99 15.35
N THR B 129 4.39 5.27 15.67
CA THR B 129 5.30 6.10 14.90
C THR B 129 6.69 5.50 14.87
N ASN B 130 7.19 5.06 16.03
CA ASN B 130 8.53 4.49 16.07
C ASN B 130 8.64 3.28 15.16
N TYR B 131 7.58 2.47 15.10
CA TYR B 131 7.59 1.31 14.23
C TYR B 131 7.54 1.73 12.76
N LYS B 132 6.66 2.69 12.44
CA LYS B 132 6.55 3.19 11.07
C LYS B 132 7.86 3.80 10.60
N ASP B 133 8.53 4.59 11.46
CA ASP B 133 9.79 5.20 11.09
C ASP B 133 10.85 4.14 10.78
N ALA B 134 10.84 3.04 11.54
CA ALA B 134 11.82 1.99 11.34
C ALA B 134 11.60 1.29 10.00
N VAL B 135 10.35 0.97 9.68
CA VAL B 135 10.07 0.34 8.39
C VAL B 135 10.51 1.28 7.27
N ASN B 136 10.20 2.57 7.40
CA ASN B 136 10.53 3.53 6.35
C ASN B 136 12.04 3.66 6.17
N TRP B 137 12.83 3.62 7.26
CA TRP B 137 14.28 3.65 7.07
C TRP B 137 14.76 2.40 6.36
N ILE B 138 14.27 1.23 6.75
CA ILE B 138 14.65 0.00 6.07
C ILE B 138 14.30 0.05 4.60
N HIS B 139 13.09 0.54 4.27
CA HIS B 139 12.72 0.64 2.87
C HIS B 139 13.63 1.59 2.12
N ASP B 140 13.97 2.72 2.74
CA ASP B 140 14.90 3.68 2.14
C ASP B 140 16.24 3.02 1.83
N GLN B 141 16.74 2.16 2.72
CA GLN B 141 18.01 1.49 2.45
C GLN B 141 17.90 0.52 1.29
N LEU B 142 16.86 -0.31 1.31
CA LEU B 142 16.65 -1.29 0.25
C LEU B 142 16.49 -0.61 -1.09
N ALA B 143 15.77 0.51 -1.12
CA ALA B 143 15.49 1.21 -2.36
C ALA B 143 16.67 2.04 -2.85
N SER B 144 17.72 2.18 -2.04
CA SER B 144 18.85 3.01 -2.41
C SER B 144 19.80 2.33 -3.40
N ASP B 145 19.74 1.00 -3.54
CA ASP B 145 20.63 0.29 -4.44
C ASP B 145 20.01 -1.05 -4.81
N PRO B 146 19.78 -1.32 -6.10
CA PRO B 146 19.16 -2.59 -6.48
C PRO B 146 19.94 -3.81 -6.03
N LYS B 147 21.23 -3.66 -5.73
CA LYS B 147 22.02 -4.78 -5.26
C LYS B 147 21.47 -5.35 -3.95
N TYR B 148 20.78 -4.53 -3.15
CA TYR B 148 20.22 -4.93 -1.87
C TYR B 148 18.97 -5.80 -1.99
N LEU B 149 18.40 -5.93 -3.18
CA LEU B 149 17.25 -6.78 -3.40
C LEU B 149 17.65 -8.23 -3.65
N SER B 150 18.95 -8.50 -3.86
CA SER B 150 19.40 -9.85 -4.15
C SER B 150 20.64 -10.28 -3.39
N ASP B 151 21.32 -9.39 -2.66
CA ASP B 151 22.50 -9.78 -1.91
C ASP B 151 22.07 -10.29 -0.53
N ASP B 152 23.03 -10.58 0.35
CA ASP B 152 22.71 -11.10 1.66
C ASP B 152 22.71 -10.02 2.74
N THR B 153 22.53 -8.76 2.38
CA THR B 153 22.51 -7.69 3.36
C THR B 153 21.14 -7.57 4.02
N ARG B 154 21.12 -7.58 5.35
CA ARG B 154 19.94 -7.25 6.12
C ARG B 154 20.15 -5.88 6.75
N PHE B 155 19.18 -4.99 6.57
CA PHE B 155 19.13 -3.74 7.31
C PHE B 155 18.20 -3.92 8.51
N TRP B 156 18.66 -3.53 9.68
CA TRP B 156 17.84 -3.68 10.87
C TRP B 156 17.74 -2.36 11.63
N VAL B 157 16.68 -2.29 12.43
CA VAL B 157 16.46 -1.22 13.40
C VAL B 157 16.02 -1.88 14.70
N ASP B 158 16.52 -1.37 15.80
CA ASP B 158 16.18 -1.90 17.12
C ASP B 158 14.79 -1.38 17.48
N VAL B 159 13.78 -2.23 17.28
CA VAL B 159 12.40 -1.90 17.64
C VAL B 159 11.96 -2.83 18.77
C1 BMA C . -17.92 21.43 -4.37
C2 BMA C . -18.02 20.38 -5.46
C3 BMA C . -16.92 19.37 -5.34
C4 BMA C . -15.55 19.99 -5.24
C5 BMA C . -15.50 21.11 -4.20
C6 BMA C . -14.19 21.85 -4.21
O1 BMA C . -18.90 22.35 -4.55
O2 BMA C . -17.92 21.02 -6.74
O3 BMA C . -17.00 18.52 -6.51
O4 BMA C . -14.55 18.89 -5.09
O5 BMA C . -16.58 22.10 -4.41
O6 BMA C . -13.80 22.07 -5.54
C1 BMA C . -13.50 18.94 -5.97
C2 BMA C . -12.19 18.69 -5.22
C3 BMA C . -11.04 18.67 -6.17
C4 BMA C . -11.26 17.71 -7.31
C5 BMA C . -12.61 17.92 -8.02
C6 BMA C . -12.86 16.77 -8.98
O2 BMA C . -12.23 17.41 -4.55
O3 BMA C . -9.83 18.29 -5.44
O4 BMA C . -10.35 18.05 -8.37
O5 BMA C . -13.74 17.96 -7.08
O6 BMA C . -13.87 17.15 -9.88
C1 BMA C . -9.33 17.16 -8.51
C2 BMA C . -8.72 17.28 -9.90
C3 BMA C . -7.54 16.40 -10.07
C4 BMA C . -6.57 16.53 -8.93
C5 BMA C . -7.22 16.43 -7.55
C6 BMA C . -6.21 16.68 -6.47
O2 BMA C . -8.29 18.64 -10.09
O3 BMA C . -6.89 16.78 -11.32
O4 BMA C . -5.21 16.18 -8.88
O5 BMA C . -8.31 17.42 -7.43
O6 BMA C . -5.81 18.04 -6.47
C1 BMA C . -4.30 16.18 -9.90
C2 BMA C . -3.49 17.48 -9.86
C3 BMA C . -2.30 17.37 -10.76
C4 BMA C . -1.43 16.23 -10.38
C5 BMA C . -2.15 14.89 -10.23
C6 BMA C . -1.41 14.12 -9.19
O2 BMA C . -3.07 17.76 -8.50
O3 BMA C . -1.47 18.56 -10.66
O4 BMA C . -0.58 16.01 -11.53
O5 BMA C . -3.51 14.93 -9.71
O6 BMA C . -1.74 12.78 -9.43
C1 BMA C . 0.75 16.07 -11.18
C2 BMA C . 1.60 15.33 -12.22
C3 BMA C . 3.03 15.50 -11.93
C4 BMA C . 3.41 16.95 -11.85
C5 BMA C . 2.53 17.72 -10.86
C6 BMA C . 2.81 19.18 -10.99
O2 BMA C . 1.31 15.90 -13.51
O3 BMA C . 3.78 14.87 -13.01
O4 BMA C . 4.91 17.17 -11.28
O5 BMA C . 1.11 17.50 -11.10
O6 BMA C . 2.24 19.77 -9.86
C1 BMA C . 5.81 17.52 -12.26
C2 BMA C . 6.95 18.31 -11.64
C3 BMA C . 8.01 18.61 -12.64
C4 BMA C . 8.50 17.39 -13.35
C5 BMA C . 7.35 16.55 -13.93
C6 BMA C . 7.54 15.15 -14.33
O2 BMA C . 7.53 17.55 -10.57
O3 BMA C . 9.13 19.23 -11.96
O4 BMA C . 9.62 17.72 -14.53
O5 BMA C . 6.30 16.27 -12.92
O6 BMA C . 8.23 14.43 -13.38
C1 BMA D . 22.05 -6.68 16.35
C2 BMA D . 21.59 -7.80 15.42
C3 BMA D . 20.29 -7.47 14.74
C4 BMA D . 19.23 -6.96 15.68
C5 BMA D . 19.80 -5.86 16.59
C6 BMA D . 18.81 -5.31 17.58
O1 BMA D . 23.17 -7.01 17.05
O2 BMA D . 21.45 -9.03 16.17
O3 BMA D . 19.82 -8.67 14.06
O4 BMA D . 17.99 -6.58 14.95
O5 BMA D . 20.97 -6.35 17.33
O6 BMA D . 18.37 -6.35 18.41
C1 BMA D . 16.82 -7.06 15.45
C2 BMA D . 15.80 -5.94 15.52
C3 BMA D . 14.50 -6.43 16.05
C4 BMA D . 13.99 -7.63 15.29
C5 BMA D . 15.07 -8.72 15.18
C6 BMA D . 14.64 -9.87 14.32
O2 BMA D . 15.64 -5.40 14.20
O3 BMA D . 13.52 -5.37 16.05
O4 BMA D . 13.02 -8.33 16.10
O5 BMA D . 16.30 -8.17 14.60
O6 BMA D . 15.46 -10.96 14.61
C1 BMA D . 11.76 -8.27 15.59
C2 BMA D . 10.88 -9.32 16.27
C3 BMA D . 9.49 -9.25 15.75
C4 BMA D . 8.94 -7.87 15.99
C5 BMA D . 9.82 -6.81 15.32
C6 BMA D . 9.28 -5.42 15.53
O2 BMA D . 10.82 -9.09 17.70
O3 BMA D . 8.69 -10.24 16.45
O4 BMA D . 7.67 -7.51 15.44
O5 BMA D . 11.21 -6.89 15.81
O6 BMA D . 9.45 -5.02 16.87
C1 BMA D . 6.54 -7.94 16.10
C2 BMA D . 6.21 -7.04 17.27
C3 BMA D . 4.94 -7.50 17.93
C4 BMA D . 3.79 -7.72 17.00
C5 BMA D . 4.12 -8.32 15.63
C6 BMA D . 3.15 -7.77 14.65
O2 BMA D . 6.06 -5.68 16.78
O3 BMA D . 4.50 -6.52 18.93
O4 BMA D . 2.67 -8.41 17.59
O5 BMA D . 5.43 -7.91 15.11
O6 BMA D . 3.21 -6.38 14.80
C1 BMA D . 1.58 -7.64 17.91
C2 BMA D . 0.29 -8.41 17.68
C3 BMA D . -0.90 -7.65 18.16
C4 BMA D . -0.74 -7.17 19.57
C5 BMA D . 0.57 -6.39 19.72
C6 BMA D . 0.71 -5.93 21.14
O2 BMA D . 0.35 -9.68 18.38
O3 BMA D . -2.09 -8.50 18.07
O4 BMA D . -1.96 -6.24 20.17
O5 BMA D . 1.72 -7.22 19.35
O6 BMA D . 0.91 -7.08 21.92
C1 BMA D . -2.98 -6.78 20.89
C2 BMA D . -3.56 -5.74 21.83
C3 BMA D . -4.74 -6.26 22.57
C4 BMA D . -5.78 -6.83 21.64
C5 BMA D . -5.19 -7.84 20.65
C6 BMA D . -6.24 -8.23 19.65
O2 BMA D . -3.97 -4.59 21.07
O3 BMA D . -5.34 -5.16 23.32
O4 BMA D . -6.74 -7.62 22.52
O5 BMA D . -4.02 -7.30 19.94
O6 BMA D . -6.44 -7.18 18.75
#